data_1TMQ
#
_entry.id   1TMQ
#
_cell.length_a   79.160
_cell.length_b   186.870
_cell.length_c   111.540
_cell.angle_alpha   90.00
_cell.angle_beta   90.00
_cell.angle_gamma   90.00
#
_symmetry.space_group_name_H-M   'C 2 2 21'
#
loop_
_entity.id
_entity.type
_entity.pdbx_description
1 polymer 'PROTEIN (ALPHA-AMYLASE)'
2 polymer 'PROTEIN (RAGI BIFUNCTIONAL INHIBITOR)'
3 non-polymer 'CHLORIDE ION'
4 non-polymer 'CALCIUM ION'
5 water water
#
loop_
_entity_poly.entity_id
_entity_poly.type
_entity_poly.pdbx_seq_one_letter_code
_entity_poly.pdbx_strand_id
1 'polypeptide(L)'
;(PCA)KDANFASGRNSIVHLFEWKWNDIADECERFLQPQGFGGVQISPPNEYLVADGRPWWERYQPVSYIINTRSGDESA
FTDMTRRCNDAGVRIYVDAVINHMTGMNGVGTSGSSADHDGMNYPAVPYGSGDFHSPCEVNNYQDADNVRNCELVGLRDL
NQGSDYVRGVLIDYMNHMIDLGVAGFRVDAAKHMSPGDLSVIFSGLKNLNTDYGFADGARPFIYQEVIDLGGEAISKNEY
TGFGCVLEFQFGVSLGNAFQGGNQLKNLANWGPEWGLLEGLDAVVFVDNHDNQRTGGSQILTYKNPKPYKMAIAFMLAHP
YGTTRIMSSFDFTDNDQGPPQDGSGNLISPGINDDNTCSNGYVCEHRWRQVYGMVGFRNAVEGTQVENWWSNDDNQIAFS
RGSQGFVAFTNGGDLNQNLNTGLPAGTYCDVISGELSGGSCTGKSVTVGDNGSADISLGSAEDDGVLAIHVNAKL
;
A
2 'polypeptide(L)'
;SVGTSCIPGMAIPHNPLDSCRWYVSTRTCGVGPRLATQEMKARCCRQLEAIPAYCRCEAVRILMDGVVTSSGQHEGRLLQ
DLPGCPRQVQRAFAPKLVTEVECNLATIHGGPFCLSL
;
B
#
# COMPACT_ATOMS: atom_id res chain seq x y z
N LYS A 2 1.47 -10.88 16.22
CA LYS A 2 2.48 -10.20 15.47
C LYS A 2 3.52 -11.13 14.88
N ASP A 3 3.15 -12.39 14.70
CA ASP A 3 4.06 -13.37 14.13
C ASP A 3 3.61 -13.70 12.70
N ALA A 4 4.47 -13.38 11.74
CA ALA A 4 4.19 -13.61 10.34
C ALA A 4 3.93 -15.06 9.97
N ASN A 5 4.35 -15.98 10.81
CA ASN A 5 4.18 -17.41 10.52
C ASN A 5 4.91 -17.88 9.27
N PHE A 6 6.04 -17.25 8.99
CA PHE A 6 6.88 -17.60 7.84
C PHE A 6 7.43 -19.00 8.05
N ALA A 7 7.95 -19.58 6.97
CA ALA A 7 8.58 -20.89 7.04
C ALA A 7 10.02 -20.55 7.41
N SER A 8 10.73 -21.51 7.98
CA SER A 8 12.10 -21.26 8.39
C SER A 8 12.98 -20.86 7.21
N GLY A 9 13.79 -19.81 7.40
CA GLY A 9 14.69 -19.35 6.35
C GLY A 9 14.09 -18.45 5.26
N ARG A 10 12.87 -17.97 5.50
CA ARG A 10 12.15 -17.11 4.56
C ARG A 10 11.91 -15.75 5.18
N ASN A 11 11.80 -14.73 4.35
CA ASN A 11 11.51 -13.40 4.85
C ASN A 11 10.83 -12.59 3.75
N SER A 12 10.15 -11.52 4.18
CA SER A 12 9.43 -10.61 3.27
C SER A 12 8.10 -11.10 2.69
N ILE A 13 7.20 -10.14 2.56
CA ILE A 13 5.89 -10.38 1.99
C ILE A 13 5.93 -9.58 0.69
N VAL A 14 5.42 -10.16 -0.39
CA VAL A 14 5.42 -9.45 -1.67
C VAL A 14 3.99 -9.14 -2.06
N HIS A 15 3.70 -7.87 -2.33
CA HIS A 15 2.36 -7.55 -2.75
C HIS A 15 2.22 -7.78 -4.26
N LEU A 16 1.76 -8.98 -4.62
CA LEU A 16 1.54 -9.30 -6.02
C LEU A 16 0.21 -8.65 -6.42
N PHE A 17 0.30 -7.34 -6.60
CA PHE A 17 -0.79 -6.44 -6.98
C PHE A 17 -1.54 -6.85 -8.25
N GLU A 18 -2.80 -7.26 -8.08
CA GLU A 18 -3.66 -7.65 -9.21
C GLU A 18 -3.37 -8.97 -9.89
N TRP A 19 -2.58 -9.84 -9.27
CA TRP A 19 -2.30 -11.11 -9.91
C TRP A 19 -3.44 -12.09 -9.70
N LYS A 20 -3.53 -13.07 -10.60
CA LYS A 20 -4.55 -14.09 -10.51
C LYS A 20 -3.97 -15.19 -9.67
N TRP A 21 -4.83 -16.10 -9.21
CA TRP A 21 -4.42 -17.20 -8.35
C TRP A 21 -3.55 -18.22 -9.08
N ASN A 22 -3.86 -18.49 -10.34
CA ASN A 22 -3.04 -19.43 -11.11
C ASN A 22 -1.60 -18.95 -11.23
N ASP A 23 -1.43 -17.66 -11.55
CA ASP A 23 -0.12 -17.03 -11.72
C ASP A 23 0.69 -16.93 -10.42
N ILE A 24 -0.01 -16.73 -9.30
CA ILE A 24 0.63 -16.64 -7.99
C ILE A 24 1.10 -18.04 -7.61
N ALA A 25 0.26 -19.04 -7.86
CA ALA A 25 0.60 -20.44 -7.58
C ALA A 25 1.92 -20.81 -8.29
N ASP A 26 2.07 -20.37 -9.54
CA ASP A 26 3.28 -20.64 -10.31
C ASP A 26 4.47 -19.91 -9.74
N GLU A 27 4.29 -18.61 -9.50
CA GLU A 27 5.36 -17.79 -8.98
C GLU A 27 5.89 -18.30 -7.64
N CYS A 28 5.02 -18.87 -6.80
CA CYS A 28 5.44 -19.39 -5.49
C CYS A 28 6.48 -20.48 -5.72
N GLU A 29 6.16 -21.38 -6.63
CA GLU A 29 7.03 -22.50 -6.96
C GLU A 29 8.27 -22.16 -7.78
N ARG A 30 8.08 -21.47 -8.89
CA ARG A 30 9.19 -21.13 -9.78
C ARG A 30 10.12 -20.00 -9.39
N PHE A 31 9.68 -19.08 -8.53
CA PHE A 31 10.56 -17.97 -8.17
C PHE A 31 10.63 -17.63 -6.67
N LEU A 32 9.46 -17.47 -6.06
CA LEU A 32 9.38 -17.11 -4.65
C LEU A 32 10.12 -18.06 -3.70
N GLN A 33 9.82 -19.35 -3.77
CA GLN A 33 10.50 -20.33 -2.93
C GLN A 33 12.02 -20.38 -3.14
N PRO A 34 12.49 -20.61 -4.39
CA PRO A 34 13.92 -20.65 -4.64
C PRO A 34 14.67 -19.43 -4.11
N GLN A 35 14.04 -18.25 -4.16
CA GLN A 35 14.68 -17.02 -3.71
C GLN A 35 14.46 -16.74 -2.22
N GLY A 36 13.76 -17.63 -1.56
CA GLY A 36 13.52 -17.48 -0.14
C GLY A 36 12.70 -16.29 0.32
N PHE A 37 11.52 -16.10 -0.27
CA PHE A 37 10.60 -15.04 0.11
C PHE A 37 9.63 -15.70 1.09
N GLY A 38 9.15 -14.92 2.06
CA GLY A 38 8.25 -15.46 3.06
C GLY A 38 6.79 -15.52 2.71
N GLY A 39 6.27 -14.54 1.99
CA GLY A 39 4.84 -14.60 1.69
C GLY A 39 4.33 -13.66 0.62
N VAL A 40 3.07 -13.88 0.26
CA VAL A 40 2.39 -13.08 -0.74
C VAL A 40 1.13 -12.41 -0.20
N GLN A 41 1.05 -11.09 -0.38
CA GLN A 41 -0.14 -10.33 -0.02
C GLN A 41 -0.96 -10.22 -1.33
N ILE A 42 -2.11 -10.89 -1.37
CA ILE A 42 -2.98 -10.87 -2.54
C ILE A 42 -3.96 -9.69 -2.50
N SER A 43 -4.58 -9.40 -3.66
CA SER A 43 -5.57 -8.34 -3.79
C SER A 43 -6.86 -8.96 -3.23
N PRO A 44 -7.82 -8.12 -2.76
CA PRO A 44 -9.08 -8.65 -2.20
C PRO A 44 -9.64 -9.80 -3.04
N PRO A 45 -9.87 -10.97 -2.42
CA PRO A 45 -10.40 -12.16 -3.11
C PRO A 45 -11.88 -12.39 -2.98
N ASN A 46 -12.56 -11.48 -2.28
CA ASN A 46 -13.99 -11.61 -2.08
C ASN A 46 -14.71 -10.78 -3.16
N GLU A 47 -15.90 -11.23 -3.56
CA GLU A 47 -16.68 -10.53 -4.58
C GLU A 47 -16.85 -9.03 -4.36
N TYR A 48 -16.47 -8.26 -5.38
CA TYR A 48 -16.58 -6.81 -5.33
C TYR A 48 -17.35 -6.32 -6.55
N LEU A 49 -17.67 -5.04 -6.57
CA LEU A 49 -18.42 -4.42 -7.66
C LEU A 49 -17.73 -4.32 -9.01
N VAL A 50 -18.45 -4.61 -10.08
CA VAL A 50 -17.90 -4.44 -11.41
C VAL A 50 -18.09 -2.97 -11.80
N ALA A 51 -17.00 -2.22 -11.86
CA ALA A 51 -17.06 -0.80 -12.21
C ALA A 51 -16.65 -0.53 -13.67
N ASP A 52 -17.25 0.48 -14.27
CA ASP A 52 -16.98 0.88 -15.65
C ASP A 52 -15.47 1.13 -15.81
N GLY A 53 -14.84 0.48 -16.78
CA GLY A 53 -13.43 0.67 -17.00
C GLY A 53 -12.55 -0.31 -16.23
N ARG A 54 -13.15 -1.05 -15.31
CA ARG A 54 -12.44 -2.02 -14.48
C ARG A 54 -11.16 -1.45 -13.86
N PRO A 55 -11.26 -0.34 -13.12
CA PRO A 55 -10.06 0.24 -12.52
C PRO A 55 -9.56 -0.61 -11.35
N TRP A 56 -8.35 -0.33 -10.90
CA TRP A 56 -7.77 -1.10 -9.81
C TRP A 56 -8.60 -0.98 -8.52
N TRP A 57 -9.13 0.22 -8.26
CA TRP A 57 -9.91 0.48 -7.06
C TRP A 57 -11.29 -0.15 -6.95
N GLU A 58 -11.71 -0.89 -7.96
CA GLU A 58 -13.03 -1.49 -7.83
C GLU A 58 -12.98 -2.57 -6.74
N ARG A 59 -11.80 -3.14 -6.51
CA ARG A 59 -11.61 -4.20 -5.50
C ARG A 59 -11.94 -3.79 -4.07
N TYR A 60 -12.01 -2.48 -3.86
CA TYR A 60 -12.29 -1.93 -2.55
C TYR A 60 -13.75 -1.54 -2.30
N GLN A 61 -14.66 -2.15 -3.06
CA GLN A 61 -16.10 -1.95 -2.92
C GLN A 61 -16.72 -3.35 -2.90
N PRO A 62 -16.68 -4.01 -1.73
CA PRO A 62 -17.20 -5.37 -1.51
C PRO A 62 -18.68 -5.49 -1.83
N VAL A 63 -19.09 -6.67 -2.23
CA VAL A 63 -20.47 -6.94 -2.59
C VAL A 63 -20.95 -8.19 -1.86
N SER A 64 -20.01 -9.07 -1.53
CA SER A 64 -20.31 -10.29 -0.78
C SER A 64 -18.98 -10.85 -0.36
N TYR A 65 -18.97 -12.07 0.19
CA TYR A 65 -17.72 -12.66 0.63
C TYR A 65 -17.49 -13.95 -0.13
N ILE A 66 -18.14 -14.05 -1.27
CA ILE A 66 -18.01 -15.21 -2.12
C ILE A 66 -16.68 -15.02 -2.78
N ILE A 67 -15.87 -16.08 -2.80
CA ILE A 67 -14.55 -16.02 -3.40
C ILE A 67 -14.69 -16.23 -4.91
N ASN A 68 -14.80 -15.13 -5.64
CA ASN A 68 -14.92 -15.19 -7.09
C ASN A 68 -14.70 -13.79 -7.59
N THR A 69 -13.51 -13.55 -8.12
CA THR A 69 -13.18 -12.23 -8.61
C THR A 69 -12.42 -12.43 -9.91
N ARG A 70 -11.77 -11.37 -10.38
CA ARG A 70 -11.00 -11.47 -11.61
C ARG A 70 -9.74 -12.29 -11.42
N SER A 71 -9.39 -12.53 -10.16
CA SER A 71 -8.21 -13.31 -9.87
C SER A 71 -8.46 -14.80 -9.91
N GLY A 72 -9.73 -15.19 -9.88
CA GLY A 72 -10.05 -16.60 -9.95
C GLY A 72 -11.12 -17.00 -8.97
N ASP A 73 -11.63 -18.21 -9.11
CA ASP A 73 -12.65 -18.68 -8.20
C ASP A 73 -12.03 -19.36 -6.97
N GLU A 74 -12.87 -20.07 -6.20
CA GLU A 74 -12.40 -20.73 -5.00
C GLU A 74 -11.51 -21.93 -5.25
N SER A 75 -11.76 -22.66 -6.33
CA SER A 75 -10.91 -23.79 -6.66
C SER A 75 -9.53 -23.27 -6.99
N ALA A 76 -9.49 -22.19 -7.77
CA ALA A 76 -8.21 -21.60 -8.14
C ALA A 76 -7.56 -21.09 -6.86
N PHE A 77 -8.35 -20.49 -5.97
CA PHE A 77 -7.83 -19.95 -4.72
C PHE A 77 -7.19 -21.06 -3.85
N THR A 78 -7.91 -22.15 -3.65
CA THR A 78 -7.43 -23.25 -2.84
C THR A 78 -6.21 -23.92 -3.48
N ASP A 79 -6.19 -23.95 -4.81
CA ASP A 79 -5.06 -24.53 -5.51
C ASP A 79 -3.83 -23.69 -5.18
N MET A 80 -4.03 -22.37 -5.13
CA MET A 80 -2.96 -21.44 -4.82
C MET A 80 -2.40 -21.59 -3.40
N THR A 81 -3.30 -21.65 -2.41
CA THR A 81 -2.88 -21.80 -1.01
C THR A 81 -2.22 -23.14 -0.78
N ARG A 82 -2.75 -24.17 -1.42
CA ARG A 82 -2.18 -25.49 -1.31
C ARG A 82 -0.75 -25.50 -1.87
N ARG A 83 -0.61 -25.08 -3.13
CA ARG A 83 0.71 -25.05 -3.80
C ARG A 83 1.73 -24.07 -3.20
N CYS A 84 1.27 -22.89 -2.78
CA CYS A 84 2.18 -21.90 -2.20
C CYS A 84 2.70 -22.30 -0.84
N ASN A 85 1.83 -22.86 0.00
CA ASN A 85 2.23 -23.28 1.33
C ASN A 85 3.20 -24.45 1.24
N ASP A 86 2.92 -25.40 0.35
CA ASP A 86 3.83 -26.52 0.19
C ASP A 86 5.21 -26.03 -0.27
N ALA A 87 5.28 -24.83 -0.84
CA ALA A 87 6.55 -24.25 -1.28
C ALA A 87 7.04 -23.28 -0.24
N GLY A 88 6.48 -23.39 0.96
CA GLY A 88 6.86 -22.52 2.06
C GLY A 88 6.56 -21.05 1.95
N VAL A 89 5.67 -20.66 1.03
CA VAL A 89 5.30 -19.24 0.86
C VAL A 89 3.90 -19.07 1.47
N ARG A 90 3.74 -18.12 2.38
CA ARG A 90 2.44 -17.90 3.03
C ARG A 90 1.56 -16.94 2.27
N ILE A 91 0.25 -17.05 2.44
CA ILE A 91 -0.73 -16.17 1.78
C ILE A 91 -1.47 -15.23 2.75
N TYR A 92 -1.37 -13.91 2.53
CA TYR A 92 -2.03 -12.91 3.36
C TYR A 92 -3.16 -12.20 2.61
N VAL A 93 -4.38 -12.38 3.09
CA VAL A 93 -5.59 -11.81 2.51
C VAL A 93 -5.81 -10.33 2.81
N ASP A 94 -6.17 -9.56 1.79
CA ASP A 94 -6.46 -8.13 1.96
C ASP A 94 -7.94 -8.12 2.37
N ALA A 95 -8.19 -7.80 3.64
CA ALA A 95 -9.54 -7.81 4.16
C ALA A 95 -10.21 -6.45 4.17
N VAL A 96 -11.21 -6.30 3.32
CA VAL A 96 -11.96 -5.05 3.21
C VAL A 96 -13.26 -5.31 3.99
N ILE A 97 -13.27 -4.84 5.24
CA ILE A 97 -14.41 -5.06 6.12
C ILE A 97 -15.02 -3.78 6.70
N ASN A 98 -14.52 -2.63 6.30
CA ASN A 98 -15.05 -1.38 6.80
C ASN A 98 -16.31 -0.93 6.07
N HIS A 99 -16.51 -1.38 4.83
CA HIS A 99 -17.64 -0.92 4.03
C HIS A 99 -18.01 -1.85 2.90
N MET A 100 -19.05 -1.47 2.16
CA MET A 100 -19.52 -2.23 1.00
C MET A 100 -19.34 -1.33 -0.24
N THR A 101 -20.40 -1.06 -1.01
CA THR A 101 -20.27 -0.24 -2.22
C THR A 101 -20.72 1.21 -2.10
N GLY A 102 -20.36 2.01 -3.10
CA GLY A 102 -20.73 3.41 -3.14
C GLY A 102 -21.81 3.69 -4.19
N MET A 103 -22.36 2.63 -4.79
CA MET A 103 -23.41 2.76 -5.80
C MET A 103 -24.08 1.41 -5.99
N ASN A 104 -25.12 1.37 -6.83
CA ASN A 104 -25.79 0.11 -7.11
C ASN A 104 -25.08 -0.56 -8.28
N GLY A 105 -25.21 -1.87 -8.40
CA GLY A 105 -24.58 -2.59 -9.49
C GLY A 105 -24.61 -4.07 -9.27
N VAL A 106 -23.68 -4.78 -9.89
CA VAL A 106 -23.60 -6.21 -9.71
C VAL A 106 -22.14 -6.48 -9.36
N GLY A 107 -21.85 -7.65 -8.79
CA GLY A 107 -20.49 -7.96 -8.44
C GLY A 107 -19.85 -8.97 -9.38
N THR A 108 -18.56 -9.23 -9.17
CA THR A 108 -17.78 -10.18 -9.97
C THR A 108 -18.35 -11.59 -10.00
N SER A 109 -19.25 -11.90 -9.09
CA SER A 109 -19.86 -13.22 -9.03
C SER A 109 -21.36 -13.16 -9.34
N GLY A 110 -21.82 -12.00 -9.83
CA GLY A 110 -23.22 -11.86 -10.16
C GLY A 110 -24.17 -11.35 -9.09
N SER A 111 -23.70 -11.26 -7.86
CA SER A 111 -24.54 -10.78 -6.76
C SER A 111 -24.95 -9.33 -6.94
N SER A 112 -26.06 -8.96 -6.28
CA SER A 112 -26.61 -7.61 -6.31
C SER A 112 -26.07 -6.77 -5.18
N ALA A 113 -25.86 -5.49 -5.47
CA ALA A 113 -25.37 -4.52 -4.51
C ALA A 113 -26.34 -3.34 -4.58
N ASP A 114 -27.19 -3.21 -3.56
CA ASP A 114 -28.15 -2.13 -3.50
C ASP A 114 -27.64 -1.07 -2.54
N HIS A 115 -26.82 -0.15 -3.02
CA HIS A 115 -26.33 0.90 -2.16
C HIS A 115 -27.48 1.72 -1.61
N ASP A 116 -28.39 2.14 -2.48
CA ASP A 116 -29.53 2.97 -2.07
C ASP A 116 -30.28 2.40 -0.88
N GLY A 117 -30.73 1.16 -0.98
CA GLY A 117 -31.45 0.55 0.11
C GLY A 117 -30.62 -0.26 1.09
N MET A 118 -29.29 -0.14 0.97
CA MET A 118 -28.35 -0.88 1.81
C MET A 118 -28.65 -2.37 1.87
N ASN A 119 -28.84 -3.01 0.73
CA ASN A 119 -29.13 -4.46 0.73
C ASN A 119 -28.07 -5.17 -0.08
N TYR A 120 -27.44 -6.16 0.55
CA TYR A 120 -26.40 -6.97 -0.07
C TYR A 120 -26.83 -8.39 0.22
N PRO A 121 -27.80 -8.88 -0.55
CA PRO A 121 -28.46 -10.19 -0.52
C PRO A 121 -27.58 -11.43 -0.37
N ALA A 122 -26.38 -11.36 -0.93
CA ALA A 122 -25.45 -12.47 -0.91
C ALA A 122 -24.69 -12.67 0.39
N VAL A 123 -24.77 -11.71 1.31
CA VAL A 123 -24.08 -11.86 2.59
C VAL A 123 -24.92 -12.61 3.63
N PRO A 124 -26.13 -12.12 3.98
CA PRO A 124 -26.87 -10.91 3.57
C PRO A 124 -26.68 -9.79 4.55
N TYR A 125 -26.80 -8.58 4.06
CA TYR A 125 -26.70 -7.39 4.89
C TYR A 125 -27.93 -6.61 4.53
N GLY A 126 -28.49 -5.92 5.52
CA GLY A 126 -29.68 -5.12 5.29
C GLY A 126 -29.33 -3.76 5.86
N SER A 127 -30.29 -2.85 5.91
CA SER A 127 -30.02 -1.51 6.43
C SER A 127 -29.62 -1.47 7.91
N GLY A 128 -30.10 -2.43 8.69
CA GLY A 128 -29.76 -2.45 10.11
C GLY A 128 -28.33 -2.88 10.44
N ASP A 129 -27.54 -3.21 9.42
CA ASP A 129 -26.18 -3.65 9.62
C ASP A 129 -25.16 -2.57 9.33
N PHE A 130 -25.65 -1.38 9.03
CA PHE A 130 -24.79 -0.26 8.67
C PHE A 130 -24.95 0.88 9.63
N HIS A 131 -23.99 1.78 9.64
CA HIS A 131 -24.07 2.96 10.45
C HIS A 131 -24.96 3.94 9.68
N SER A 132 -25.60 4.85 10.40
CA SER A 132 -26.47 5.84 9.80
C SER A 132 -25.60 6.74 8.94
N PRO A 133 -26.00 6.95 7.69
CA PRO A 133 -25.25 7.79 6.76
C PRO A 133 -24.89 9.15 7.29
N CYS A 134 -23.64 9.53 7.04
CA CYS A 134 -23.07 10.83 7.41
C CYS A 134 -21.76 10.83 6.66
N GLU A 135 -21.04 11.94 6.69
CA GLU A 135 -19.80 12.04 5.95
C GLU A 135 -18.58 12.22 6.84
N VAL A 136 -17.49 11.54 6.49
CA VAL A 136 -16.24 11.69 7.22
C VAL A 136 -15.68 13.05 6.79
N ASN A 137 -15.48 13.97 7.72
CA ASN A 137 -14.94 15.28 7.38
C ASN A 137 -14.15 15.96 8.48
N ASN A 138 -13.95 15.28 9.61
CA ASN A 138 -13.25 15.89 10.73
C ASN A 138 -12.31 14.87 11.38
N TYR A 139 -11.01 15.04 11.15
CA TYR A 139 -10.01 14.11 11.68
C TYR A 139 -9.60 14.40 13.12
N GLN A 140 -10.28 15.34 13.73
CA GLN A 140 -10.03 15.67 15.13
C GLN A 140 -11.22 15.11 15.88
N ASP A 141 -12.00 14.26 15.22
CA ASP A 141 -13.19 13.62 15.78
C ASP A 141 -13.20 12.14 15.38
N ALA A 142 -12.68 11.30 16.26
CA ALA A 142 -12.60 9.87 16.04
C ALA A 142 -13.91 9.16 15.73
N ASP A 143 -15.02 9.70 16.20
CA ASP A 143 -16.31 9.07 15.93
C ASP A 143 -16.79 9.33 14.53
N ASN A 144 -16.39 10.48 14.01
CA ASN A 144 -16.73 10.88 12.66
C ASN A 144 -15.99 10.01 11.64
N VAL A 145 -14.68 9.90 11.85
CA VAL A 145 -13.81 9.09 10.99
C VAL A 145 -14.29 7.62 10.96
N ARG A 146 -14.57 7.06 12.12
CA ARG A 146 -14.98 5.66 12.22
C ARG A 146 -16.42 5.33 11.88
N ASN A 147 -17.33 6.19 12.29
CA ASN A 147 -18.76 5.95 12.10
C ASN A 147 -19.46 6.52 10.89
N CYS A 148 -18.81 7.40 10.14
CA CYS A 148 -19.43 7.97 8.95
C CYS A 148 -18.93 7.25 7.70
N GLU A 149 -19.49 7.56 6.53
CA GLU A 149 -19.12 6.92 5.28
C GLU A 149 -17.84 7.51 4.71
N LEU A 150 -16.91 6.64 4.34
CA LEU A 150 -15.63 7.02 3.77
C LEU A 150 -15.89 7.17 2.25
N VAL A 151 -15.71 8.38 1.74
CA VAL A 151 -15.98 8.71 0.33
C VAL A 151 -17.30 8.09 -0.19
N GLY A 152 -18.34 8.15 0.64
CA GLY A 152 -19.65 7.65 0.25
C GLY A 152 -19.90 6.16 0.25
N LEU A 153 -18.97 5.35 0.75
CA LEU A 153 -19.15 3.90 0.79
C LEU A 153 -19.95 3.50 2.04
N ARG A 154 -20.93 2.63 1.87
CA ARG A 154 -21.77 2.20 2.97
C ARG A 154 -20.93 1.67 4.12
N ASP A 155 -21.05 2.33 5.26
CA ASP A 155 -20.28 1.97 6.44
C ASP A 155 -20.87 0.89 7.30
N LEU A 156 -20.22 -0.27 7.31
CA LEU A 156 -20.69 -1.39 8.12
C LEU A 156 -20.62 -1.06 9.61
N ASN A 157 -21.42 -1.76 10.41
CA ASN A 157 -21.44 -1.56 11.84
C ASN A 157 -20.87 -2.79 12.57
N GLN A 158 -19.57 -2.76 12.84
CA GLN A 158 -18.94 -3.88 13.54
C GLN A 158 -19.25 -3.95 15.03
N GLY A 159 -20.12 -3.07 15.52
CA GLY A 159 -20.51 -3.09 16.92
C GLY A 159 -21.69 -4.03 17.08
N SER A 160 -22.08 -4.62 15.98
CA SER A 160 -23.22 -5.52 15.92
C SER A 160 -22.90 -6.97 16.03
N ASP A 161 -23.64 -7.65 16.89
CA ASP A 161 -23.42 -9.06 17.06
C ASP A 161 -23.53 -9.77 15.72
N TYR A 162 -24.47 -9.35 14.89
CA TYR A 162 -24.68 -9.97 13.58
C TYR A 162 -23.48 -9.75 12.63
N VAL A 163 -23.14 -8.48 12.39
CA VAL A 163 -22.03 -8.14 11.50
C VAL A 163 -20.73 -8.79 11.94
N ARG A 164 -20.48 -8.84 13.24
CA ARG A 164 -19.27 -9.45 13.79
C ARG A 164 -19.20 -10.92 13.42
N GLY A 165 -20.32 -11.61 13.58
CA GLY A 165 -20.39 -13.01 13.24
C GLY A 165 -20.16 -13.24 11.76
N VAL A 166 -20.71 -12.37 10.92
CA VAL A 166 -20.54 -12.48 9.47
C VAL A 166 -19.05 -12.36 9.13
N LEU A 167 -18.42 -11.31 9.65
CA LEU A 167 -17.01 -11.05 9.42
C LEU A 167 -16.08 -12.13 9.99
N ILE A 168 -16.45 -12.72 11.12
CA ILE A 168 -15.63 -13.78 11.69
C ILE A 168 -15.80 -15.04 10.85
N ASP A 169 -16.99 -15.24 10.28
CA ASP A 169 -17.22 -16.39 9.42
C ASP A 169 -16.40 -16.27 8.14
N TYR A 170 -16.38 -15.09 7.54
CA TYR A 170 -15.62 -14.87 6.31
C TYR A 170 -14.14 -15.16 6.55
N MET A 171 -13.60 -14.55 7.59
CA MET A 171 -12.20 -14.72 7.90
C MET A 171 -11.85 -16.16 8.29
N ASN A 172 -12.71 -16.83 9.03
CA ASN A 172 -12.48 -18.23 9.40
C ASN A 172 -12.50 -19.12 8.16
N HIS A 173 -13.29 -18.73 7.17
CA HIS A 173 -13.37 -19.49 5.93
C HIS A 173 -12.03 -19.38 5.24
N MET A 174 -11.43 -18.21 5.31
CA MET A 174 -10.15 -17.98 4.69
C MET A 174 -9.06 -18.80 5.35
N ILE A 175 -9.15 -18.95 6.67
CA ILE A 175 -8.18 -19.71 7.44
C ILE A 175 -8.33 -21.21 7.16
N ASP A 176 -9.55 -21.69 7.00
CA ASP A 176 -9.75 -23.11 6.68
C ASP A 176 -9.07 -23.38 5.33
N LEU A 177 -8.98 -22.34 4.50
CA LEU A 177 -8.37 -22.46 3.19
C LEU A 177 -6.84 -22.28 3.22
N GLY A 178 -6.26 -22.19 4.41
CA GLY A 178 -4.82 -22.06 4.53
C GLY A 178 -4.13 -20.71 4.45
N VAL A 179 -4.84 -19.61 4.68
CA VAL A 179 -4.17 -18.31 4.63
C VAL A 179 -3.46 -18.13 5.99
N ALA A 180 -2.37 -17.38 5.99
CA ALA A 180 -1.59 -17.17 7.19
C ALA A 180 -1.88 -15.89 7.94
N GLY A 181 -2.71 -15.02 7.38
CA GLY A 181 -2.99 -13.76 8.03
C GLY A 181 -3.86 -12.83 7.24
N PHE A 182 -3.92 -11.56 7.67
CA PHE A 182 -4.78 -10.55 7.06
C PHE A 182 -4.23 -9.14 7.05
N ARG A 183 -4.39 -8.47 5.91
CA ARG A 183 -4.01 -7.07 5.78
C ARG A 183 -5.35 -6.40 6.00
N VAL A 184 -5.46 -5.62 7.06
CA VAL A 184 -6.74 -4.97 7.36
C VAL A 184 -6.82 -3.57 6.77
N ASP A 185 -7.67 -3.48 5.74
CA ASP A 185 -7.91 -2.24 5.02
C ASP A 185 -8.75 -1.26 5.85
N ALA A 186 -8.33 0.00 5.87
CA ALA A 186 -9.06 1.07 6.53
C ALA A 186 -9.33 0.84 8.01
N ALA A 187 -8.40 0.19 8.69
CA ALA A 187 -8.53 -0.08 10.11
C ALA A 187 -8.78 1.23 10.85
N LYS A 188 -8.25 2.32 10.33
CA LYS A 188 -8.44 3.62 10.95
C LYS A 188 -9.90 4.07 11.01
N HIS A 189 -10.72 3.50 10.14
CA HIS A 189 -12.12 3.87 10.08
C HIS A 189 -12.96 2.86 10.82
N MET A 190 -12.31 2.08 11.68
CA MET A 190 -13.00 1.08 12.50
C MET A 190 -12.57 1.27 13.96
N SER A 191 -13.29 0.68 14.90
CA SER A 191 -12.93 0.86 16.30
C SER A 191 -12.11 -0.27 16.87
N PRO A 192 -11.00 0.08 17.55
CA PRO A 192 -10.07 -0.86 18.19
C PRO A 192 -10.86 -1.90 18.97
N GLY A 193 -11.82 -1.42 19.75
CA GLY A 193 -12.66 -2.32 20.51
C GLY A 193 -13.34 -3.37 19.66
N ASP A 194 -14.02 -2.97 18.58
CA ASP A 194 -14.72 -3.93 17.73
C ASP A 194 -13.76 -4.89 17.09
N LEU A 195 -12.62 -4.36 16.69
CA LEU A 195 -11.63 -5.18 16.04
C LEU A 195 -11.04 -6.19 17.01
N SER A 196 -10.90 -5.78 18.26
CA SER A 196 -10.37 -6.64 19.29
C SER A 196 -11.28 -7.87 19.44
N VAL A 197 -12.59 -7.66 19.42
CA VAL A 197 -13.58 -8.73 19.58
C VAL A 197 -13.60 -9.66 18.39
N ILE A 198 -13.54 -9.09 17.19
CA ILE A 198 -13.57 -9.87 15.95
C ILE A 198 -12.32 -10.75 15.82
N PHE A 199 -11.16 -10.12 15.86
CA PHE A 199 -9.89 -10.85 15.74
C PHE A 199 -9.75 -11.97 16.76
N SER A 200 -10.31 -11.76 17.95
CA SER A 200 -10.25 -12.75 18.99
C SER A 200 -11.17 -13.96 18.76
N GLY A 201 -12.00 -13.91 17.75
CA GLY A 201 -12.89 -15.02 17.48
C GLY A 201 -12.36 -15.88 16.34
N LEU A 202 -11.22 -15.47 15.80
CA LEU A 202 -10.59 -16.20 14.70
C LEU A 202 -9.94 -17.48 15.18
N LYS A 203 -10.14 -18.56 14.44
CA LYS A 203 -9.55 -19.85 14.79
C LYS A 203 -8.04 -19.89 14.54
N ASN A 204 -7.37 -20.91 15.08
CA ASN A 204 -5.93 -21.07 14.87
C ASN A 204 -5.72 -21.53 13.43
N LEU A 205 -4.53 -21.28 12.89
CA LEU A 205 -4.22 -21.64 11.51
C LEU A 205 -4.42 -23.12 11.22
N ASN A 206 -4.81 -23.42 9.98
CA ASN A 206 -5.08 -24.79 9.56
C ASN A 206 -3.77 -25.55 9.38
N THR A 207 -3.46 -26.42 10.34
CA THR A 207 -2.22 -27.18 10.31
C THR A 207 -1.97 -28.03 9.07
N ASP A 208 -3.02 -28.34 8.32
CA ASP A 208 -2.86 -29.13 7.11
C ASP A 208 -2.09 -28.39 6.02
N TYR A 209 -1.71 -27.14 6.31
CA TYR A 209 -0.95 -26.30 5.40
C TYR A 209 0.46 -26.04 5.93
N GLY A 210 0.92 -26.90 6.84
CA GLY A 210 2.26 -26.77 7.40
C GLY A 210 2.41 -25.72 8.48
N PHE A 211 1.35 -25.52 9.26
CA PHE A 211 1.41 -24.54 10.34
C PHE A 211 1.60 -25.23 11.67
N ALA A 212 2.39 -24.63 12.55
CA ALA A 212 2.64 -25.19 13.87
C ALA A 212 1.29 -25.31 14.56
N ASP A 213 1.20 -26.19 15.54
CA ASP A 213 -0.05 -26.36 16.28
C ASP A 213 -0.24 -25.10 17.11
N GLY A 214 -1.46 -24.58 17.16
CA GLY A 214 -1.72 -23.37 17.93
C GLY A 214 -1.33 -22.05 17.28
N ALA A 215 -0.97 -22.08 16.00
CA ALA A 215 -0.60 -20.86 15.26
C ALA A 215 -1.80 -19.90 15.17
N ARG A 216 -1.51 -18.61 15.28
CA ARG A 216 -2.55 -17.61 15.23
C ARG A 216 -2.40 -16.76 13.99
N PRO A 217 -3.52 -16.41 13.33
CA PRO A 217 -3.43 -15.57 12.13
C PRO A 217 -2.67 -14.26 12.35
N PHE A 218 -1.82 -13.90 11.38
CA PHE A 218 -1.03 -12.68 11.47
C PHE A 218 -1.95 -11.51 11.09
N ILE A 219 -1.92 -10.42 11.85
CA ILE A 219 -2.78 -9.27 11.59
C ILE A 219 -1.99 -7.98 11.46
N TYR A 220 -1.91 -7.41 10.25
CA TYR A 220 -1.25 -6.11 10.09
C TYR A 220 -2.33 -5.16 9.56
N GLN A 221 -2.43 -4.01 10.20
CA GLN A 221 -3.49 -3.05 9.95
C GLN A 221 -3.15 -1.73 9.32
N GLU A 222 -3.95 -1.30 8.35
CA GLU A 222 -3.70 -0.04 7.70
C GLU A 222 -4.21 1.15 8.51
N VAL A 223 -3.28 1.96 9.01
CA VAL A 223 -3.63 3.14 9.77
C VAL A 223 -2.58 4.16 9.35
N ILE A 224 -2.99 5.12 8.54
CA ILE A 224 -2.10 6.16 8.05
C ILE A 224 -2.07 7.27 9.07
N ASP A 225 -1.05 7.25 9.91
CA ASP A 225 -0.90 8.23 10.95
C ASP A 225 0.45 8.93 10.86
N LEU A 226 0.40 10.22 10.54
CA LEU A 226 1.61 11.01 10.46
C LEU A 226 1.57 12.02 11.60
N GLY A 227 0.62 11.81 12.51
CA GLY A 227 0.44 12.64 13.68
C GLY A 227 -0.69 13.65 13.70
N GLY A 228 -0.92 14.21 14.89
CA GLY A 228 -1.92 15.24 15.09
C GLY A 228 -3.38 14.93 14.86
N GLU A 229 -3.79 13.68 15.04
CA GLU A 229 -5.18 13.33 14.84
C GLU A 229 -5.76 12.74 16.12
N ALA A 230 -7.08 12.65 16.15
CA ALA A 230 -7.81 12.07 17.27
C ALA A 230 -7.56 10.58 17.28
N ILE A 231 -7.10 10.03 16.16
CA ILE A 231 -6.79 8.61 16.06
C ILE A 231 -5.28 8.38 15.95
N SER A 232 -4.78 7.37 16.65
CA SER A 232 -3.36 7.03 16.67
C SER A 232 -3.10 5.56 16.36
N LYS A 233 -2.00 5.31 15.68
CA LYS A 233 -1.61 3.94 15.32
C LYS A 233 -1.45 3.11 16.58
N ASN A 234 -1.01 3.75 17.66
CA ASN A 234 -0.79 3.11 18.95
C ASN A 234 -2.04 2.50 19.57
N GLU A 235 -3.22 2.86 19.07
CA GLU A 235 -4.47 2.30 19.59
C GLU A 235 -4.76 0.93 18.98
N TYR A 236 -3.95 0.53 18.01
CA TYR A 236 -4.15 -0.73 17.29
C TYR A 236 -3.11 -1.82 17.51
N THR A 237 -1.98 -1.45 18.10
CA THR A 237 -0.89 -2.40 18.33
C THR A 237 -1.11 -3.47 19.40
N GLY A 238 -2.15 -3.35 20.21
CA GLY A 238 -2.39 -4.36 21.23
C GLY A 238 -2.91 -5.69 20.69
N PHE A 239 -3.47 -5.66 19.49
CA PHE A 239 -4.02 -6.88 18.90
C PHE A 239 -3.48 -7.22 17.50
N GLY A 240 -2.42 -6.53 17.09
CA GLY A 240 -1.83 -6.83 15.80
C GLY A 240 -0.77 -5.82 15.49
N CYS A 241 -0.10 -6.01 14.36
CA CYS A 241 0.94 -5.09 13.92
C CYS A 241 0.23 -4.00 13.15
N VAL A 242 0.89 -2.88 12.94
CA VAL A 242 0.29 -1.79 12.19
C VAL A 242 1.26 -1.42 11.05
N LEU A 243 0.71 -1.09 9.88
CA LEU A 243 1.52 -0.70 8.74
C LEU A 243 2.11 0.64 9.10
N GLU A 244 3.43 0.72 9.07
CA GLU A 244 4.13 1.93 9.44
C GLU A 244 4.41 2.84 8.23
N PHE A 245 3.54 3.84 8.05
CA PHE A 245 3.63 4.81 6.95
C PHE A 245 4.65 5.93 7.13
N GLN A 246 5.13 6.11 8.35
CA GLN A 246 6.13 7.14 8.62
C GLN A 246 7.48 6.68 8.03
N PHE A 247 7.65 5.37 7.95
CA PHE A 247 8.83 4.71 7.41
C PHE A 247 9.14 5.20 5.99
N GLY A 248 8.23 4.92 5.07
CA GLY A 248 8.38 5.32 3.68
C GLY A 248 8.62 6.81 3.49
N VAL A 249 7.98 7.64 4.31
CA VAL A 249 8.13 9.08 4.23
C VAL A 249 9.49 9.56 4.67
N SER A 250 9.99 8.97 5.75
CA SER A 250 11.30 9.34 6.28
C SER A 250 12.46 8.80 5.44
N LEU A 251 12.35 7.55 4.98
CA LEU A 251 13.39 6.98 4.11
C LEU A 251 13.36 7.68 2.77
N GLY A 252 12.19 7.73 2.14
CA GLY A 252 12.06 8.39 0.87
C GLY A 252 12.67 9.78 0.91
N ASN A 253 12.34 10.56 1.93
CA ASN A 253 12.90 11.90 2.05
C ASN A 253 14.43 11.85 2.21
N ALA A 254 14.91 10.94 3.03
CA ALA A 254 16.34 10.83 3.28
C ALA A 254 17.12 10.45 2.02
N PHE A 255 16.69 9.35 1.40
CA PHE A 255 17.34 8.84 0.21
C PHE A 255 17.29 9.68 -1.04
N GLN A 256 16.52 10.75 -1.01
CA GLN A 256 16.45 11.65 -2.14
C GLN A 256 17.25 12.88 -1.72
N GLY A 257 18.14 12.70 -0.74
CA GLY A 257 18.96 13.80 -0.28
C GLY A 257 18.29 14.78 0.67
N GLY A 258 17.07 14.46 1.10
CA GLY A 258 16.36 15.34 2.01
C GLY A 258 16.95 15.35 3.40
N ASN A 259 17.70 14.31 3.71
CA ASN A 259 18.35 14.17 5.03
C ASN A 259 19.76 13.62 4.82
N GLN A 260 20.57 13.62 5.87
CA GLN A 260 21.92 13.07 5.77
C GLN A 260 21.87 11.62 6.19
N LEU A 261 22.36 10.75 5.31
CA LEU A 261 22.36 9.31 5.57
C LEU A 261 23.03 8.94 6.87
N LYS A 262 23.88 9.82 7.39
CA LYS A 262 24.57 9.56 8.65
C LYS A 262 23.59 9.53 9.82
N ASN A 263 22.45 10.22 9.68
CA ASN A 263 21.44 10.29 10.71
C ASN A 263 20.64 9.02 10.88
N LEU A 264 20.79 8.07 9.96
CA LEU A 264 20.05 6.82 10.04
C LEU A 264 20.64 5.90 11.10
N ALA A 265 21.68 6.40 11.77
CA ALA A 265 22.35 5.67 12.83
C ALA A 265 21.33 5.22 13.87
N ASN A 266 20.47 6.16 14.29
CA ASN A 266 19.44 5.87 15.30
C ASN A 266 18.08 5.57 14.68
N TRP A 267 18.09 4.95 13.51
CA TRP A 267 16.85 4.61 12.82
C TRP A 267 15.97 3.69 13.65
N GLY A 268 14.68 3.99 13.66
CA GLY A 268 13.73 3.19 14.41
C GLY A 268 12.88 4.11 15.27
N PRO A 269 12.37 3.62 16.41
CA PRO A 269 11.53 4.39 17.34
C PRO A 269 12.05 5.80 17.63
N GLU A 270 13.36 5.99 17.63
CA GLU A 270 13.95 7.29 17.89
C GLU A 270 13.35 8.33 16.97
N TRP A 271 12.94 7.89 15.79
CA TRP A 271 12.36 8.74 14.77
C TRP A 271 10.84 8.91 14.83
N GLY A 272 10.20 8.21 15.75
CA GLY A 272 8.76 8.30 15.84
C GLY A 272 8.11 7.11 15.18
N LEU A 273 8.85 6.01 15.11
CA LEU A 273 8.34 4.79 14.50
C LEU A 273 7.81 3.91 15.59
N LEU A 274 6.96 2.97 15.22
CA LEU A 274 6.41 2.04 16.17
C LEU A 274 7.60 1.23 16.65
N GLU A 275 7.38 0.36 17.62
CA GLU A 275 8.44 -0.49 18.06
C GLU A 275 8.48 -1.50 16.92
N GLY A 276 9.68 -1.82 16.46
CA GLY A 276 9.84 -2.75 15.35
C GLY A 276 8.97 -3.98 15.24
N LEU A 277 8.67 -4.64 16.35
CA LEU A 277 7.85 -5.84 16.25
C LEU A 277 6.35 -5.62 16.26
N ASP A 278 5.96 -4.34 16.13
CA ASP A 278 4.57 -3.96 16.03
C ASP A 278 4.34 -3.44 14.60
N ALA A 279 5.43 -3.22 13.89
CA ALA A 279 5.41 -2.66 12.55
C ALA A 279 5.68 -3.60 11.37
N VAL A 280 5.05 -3.27 10.25
CA VAL A 280 5.24 -3.96 8.99
C VAL A 280 5.63 -2.77 8.15
N VAL A 281 6.84 -2.84 7.61
CA VAL A 281 7.40 -1.74 6.82
C VAL A 281 7.43 -1.99 5.31
N PHE A 282 7.58 -0.91 4.54
CA PHE A 282 7.60 -0.95 3.08
C PHE A 282 8.01 0.42 2.60
N VAL A 283 8.56 0.51 1.40
CA VAL A 283 9.00 1.78 0.84
C VAL A 283 7.82 2.50 0.16
N ASP A 284 6.95 1.74 -0.48
CA ASP A 284 5.79 2.28 -1.14
C ASP A 284 4.79 1.14 -1.22
N ASN A 285 3.50 1.48 -1.37
CA ASN A 285 2.47 0.47 -1.52
C ASN A 285 1.62 0.85 -2.70
N HIS A 286 0.58 0.07 -2.98
CA HIS A 286 -0.28 0.34 -4.12
C HIS A 286 -0.98 1.70 -4.14
N ASP A 287 -1.20 2.30 -2.97
CA ASP A 287 -1.87 3.59 -2.90
C ASP A 287 -0.96 4.79 -3.09
N ASN A 288 0.16 4.84 -2.38
CA ASN A 288 1.05 5.98 -2.48
C ASN A 288 2.04 6.00 -3.64
N GLN A 289 2.12 4.91 -4.41
CA GLN A 289 2.99 4.93 -5.59
C GLN A 289 2.23 5.77 -6.64
N ARG A 290 0.94 6.00 -6.35
CA ARG A 290 0.07 6.79 -7.19
C ARG A 290 -0.10 8.21 -6.69
N THR A 291 -0.39 8.35 -5.39
CA THR A 291 -0.62 9.69 -4.84
C THR A 291 0.12 9.98 -3.55
N GLY A 292 1.33 9.44 -3.41
CA GLY A 292 2.12 9.64 -2.21
C GLY A 292 2.87 10.95 -2.11
N GLY A 293 3.16 11.55 -3.26
CA GLY A 293 3.86 12.82 -3.24
C GLY A 293 5.36 12.67 -3.37
N SER A 294 6.03 13.81 -3.47
CA SER A 294 7.47 13.90 -3.64
C SER A 294 8.32 13.00 -2.75
N GLN A 295 7.93 12.81 -1.49
CA GLN A 295 8.69 11.97 -0.59
C GLN A 295 8.67 10.48 -0.89
N ILE A 296 7.63 9.99 -1.55
CA ILE A 296 7.58 8.56 -1.83
C ILE A 296 8.38 8.15 -3.04
N LEU A 297 9.19 7.11 -2.87
CA LEU A 297 10.03 6.57 -3.92
C LEU A 297 9.30 5.39 -4.54
N THR A 298 9.29 5.33 -5.88
CA THR A 298 8.65 4.24 -6.62
C THR A 298 9.59 3.75 -7.71
N TYR A 299 9.15 2.71 -8.43
CA TYR A 299 9.94 2.16 -9.52
C TYR A 299 10.32 3.21 -10.56
N LYS A 300 9.58 4.32 -10.58
CA LYS A 300 9.80 5.42 -11.52
C LYS A 300 11.04 6.25 -11.20
N ASN A 301 11.63 5.98 -10.04
CA ASN A 301 12.87 6.64 -9.61
C ASN A 301 13.66 5.48 -9.00
N PRO A 302 14.03 4.49 -9.84
CA PRO A 302 14.77 3.28 -9.48
C PRO A 302 16.08 3.35 -8.69
N LYS A 303 16.93 4.34 -8.94
CA LYS A 303 18.20 4.40 -8.20
C LYS A 303 17.98 4.62 -6.70
N PRO A 304 17.33 5.74 -6.30
CA PRO A 304 17.11 5.98 -4.87
C PRO A 304 16.16 4.92 -4.33
N TYR A 305 15.23 4.47 -5.17
CA TYR A 305 14.26 3.47 -4.79
C TYR A 305 14.93 2.20 -4.30
N LYS A 306 15.83 1.67 -5.11
CA LYS A 306 16.56 0.45 -4.78
C LYS A 306 17.46 0.62 -3.56
N MET A 307 18.02 1.81 -3.36
CA MET A 307 18.84 2.08 -2.19
C MET A 307 17.98 1.95 -0.93
N ALA A 308 16.79 2.56 -0.97
CA ALA A 308 15.83 2.54 0.13
C ALA A 308 15.34 1.14 0.43
N ILE A 309 15.16 0.32 -0.60
CA ILE A 309 14.70 -1.06 -0.42
C ILE A 309 15.82 -1.92 0.17
N ALA A 310 17.06 -1.57 -0.17
CA ALA A 310 18.22 -2.28 0.33
C ALA A 310 18.34 -2.02 1.83
N PHE A 311 18.26 -0.74 2.21
CA PHE A 311 18.36 -0.33 3.62
C PHE A 311 17.28 -1.02 4.45
N MET A 312 16.06 -1.06 3.91
CA MET A 312 14.96 -1.69 4.61
C MET A 312 15.23 -3.16 4.89
N LEU A 313 15.72 -3.87 3.87
CA LEU A 313 16.00 -5.31 3.98
C LEU A 313 17.28 -5.66 4.73
N ALA A 314 18.20 -4.71 4.82
CA ALA A 314 19.44 -4.92 5.54
C ALA A 314 19.26 -4.65 7.04
N HIS A 315 18.41 -3.66 7.35
CA HIS A 315 18.15 -3.27 8.74
C HIS A 315 17.21 -4.27 9.38
N PRO A 316 17.40 -4.54 10.68
CA PRO A 316 16.54 -5.50 11.37
C PRO A 316 15.14 -5.00 11.78
N TYR A 317 14.89 -3.70 11.64
CA TYR A 317 13.59 -3.13 12.01
C TYR A 317 12.33 -3.66 11.27
N GLY A 318 11.40 -4.22 12.04
CA GLY A 318 10.13 -4.72 11.52
C GLY A 318 10.04 -5.77 10.45
N THR A 319 8.82 -6.22 10.17
CA THR A 319 8.56 -7.20 9.12
C THR A 319 8.48 -6.39 7.82
N THR A 320 9.12 -6.92 6.78
CA THR A 320 9.24 -6.26 5.49
C THR A 320 8.27 -6.65 4.38
N ARG A 321 7.81 -5.64 3.63
CA ARG A 321 6.87 -5.84 2.51
C ARG A 321 7.41 -5.23 1.23
N ILE A 322 7.29 -5.98 0.14
CA ILE A 322 7.78 -5.54 -1.15
C ILE A 322 6.63 -5.33 -2.15
N MET A 323 6.57 -4.14 -2.74
CA MET A 323 5.57 -3.79 -3.74
C MET A 323 5.96 -4.38 -5.09
N SER A 324 5.01 -5.05 -5.72
CA SER A 324 5.23 -5.61 -7.04
C SER A 324 4.12 -4.98 -7.93
N SER A 325 4.48 -3.89 -8.60
CA SER A 325 3.60 -3.08 -9.45
C SER A 325 3.38 -3.48 -10.93
N PHE A 326 2.32 -2.93 -11.54
CA PHE A 326 2.08 -3.09 -12.96
C PHE A 326 2.33 -1.65 -13.45
N ASP A 327 2.96 -1.50 -14.61
CA ASP A 327 3.26 -0.16 -15.12
C ASP A 327 1.97 0.62 -15.40
N PHE A 328 1.99 1.91 -15.11
CA PHE A 328 0.81 2.73 -15.29
C PHE A 328 1.23 4.18 -15.48
N THR A 329 0.38 4.92 -16.19
CA THR A 329 0.61 6.34 -16.47
C THR A 329 -0.48 7.20 -15.85
N ASP A 330 -1.60 6.56 -15.53
CA ASP A 330 -2.75 7.24 -14.94
C ASP A 330 -3.12 6.56 -13.63
N ASN A 331 -3.46 7.35 -12.62
CA ASN A 331 -3.82 6.82 -11.31
C ASN A 331 -5.09 5.98 -11.19
N ASP A 332 -5.96 6.00 -12.20
CA ASP A 332 -7.19 5.19 -12.16
C ASP A 332 -7.08 3.95 -13.01
N GLN A 333 -6.01 3.91 -13.80
CA GLN A 333 -5.70 2.82 -14.72
C GLN A 333 -5.64 1.46 -14.00
N GLY A 334 -6.42 0.51 -14.51
CA GLY A 334 -6.43 -0.82 -13.93
C GLY A 334 -5.35 -1.68 -14.52
N PRO A 335 -5.16 -2.92 -14.02
CA PRO A 335 -4.13 -3.82 -14.54
C PRO A 335 -4.36 -4.20 -16.03
N PRO A 336 -3.32 -4.74 -16.70
CA PRO A 336 -3.40 -5.15 -18.11
C PRO A 336 -4.57 -6.11 -18.33
N GLN A 337 -5.52 -5.71 -19.17
CA GLN A 337 -6.71 -6.51 -19.47
C GLN A 337 -7.09 -6.41 -20.96
N ASP A 338 -8.05 -7.23 -21.38
CA ASP A 338 -8.53 -7.20 -22.75
C ASP A 338 -9.94 -6.58 -22.74
N GLY A 339 -10.54 -6.41 -23.90
CA GLY A 339 -11.87 -5.82 -24.01
C GLY A 339 -12.97 -6.38 -23.12
N SER A 340 -12.89 -7.67 -22.79
CA SER A 340 -13.90 -8.29 -21.95
C SER A 340 -13.61 -8.17 -20.45
N GLY A 341 -12.56 -7.43 -20.08
CA GLY A 341 -12.24 -7.27 -18.68
C GLY A 341 -11.44 -8.43 -18.10
N ASN A 342 -11.02 -9.37 -18.95
CA ASN A 342 -10.22 -10.47 -18.45
C ASN A 342 -8.84 -9.91 -18.21
N LEU A 343 -8.18 -10.40 -17.16
CA LEU A 343 -6.83 -9.95 -16.80
C LEU A 343 -5.75 -10.61 -17.68
N ILE A 344 -4.70 -9.85 -18.00
CA ILE A 344 -3.60 -10.37 -18.79
C ILE A 344 -2.49 -10.79 -17.81
N SER A 345 -2.19 -12.08 -17.79
CA SER A 345 -1.15 -12.64 -16.92
C SER A 345 0.23 -12.12 -17.26
N PRO A 346 1.10 -11.92 -16.26
CA PRO A 346 2.44 -11.45 -16.59
C PRO A 346 3.18 -12.61 -17.28
N GLY A 347 4.17 -12.25 -18.08
CA GLY A 347 4.94 -13.27 -18.76
C GLY A 347 6.33 -13.20 -18.21
N ILE A 348 6.91 -14.36 -17.94
CA ILE A 348 8.26 -14.40 -17.41
C ILE A 348 9.12 -14.63 -18.62
N ASN A 349 9.89 -13.62 -19.01
CA ASN A 349 10.72 -13.76 -20.19
C ASN A 349 12.18 -14.06 -19.89
N ASP A 350 12.87 -14.57 -20.91
CA ASP A 350 14.28 -14.92 -20.86
C ASP A 350 15.02 -14.54 -19.58
N ASP A 351 15.32 -13.26 -19.41
CA ASP A 351 16.05 -12.76 -18.25
C ASP A 351 15.22 -12.71 -16.97
N ASN A 352 14.29 -13.65 -16.83
CA ASN A 352 13.37 -13.74 -15.70
C ASN A 352 12.66 -12.45 -15.29
N THR A 353 12.57 -11.49 -16.20
CA THR A 353 11.83 -10.26 -15.93
C THR A 353 10.45 -10.52 -16.49
N CYS A 354 9.51 -9.62 -16.24
CA CYS A 354 8.14 -9.81 -16.70
C CYS A 354 7.79 -9.02 -17.92
N SER A 355 6.83 -9.56 -18.67
CA SER A 355 6.31 -8.94 -19.89
C SER A 355 4.83 -8.58 -19.68
N ASN A 356 4.20 -8.02 -20.71
CA ASN A 356 2.81 -7.66 -20.63
C ASN A 356 2.50 -6.48 -19.72
N GLY A 357 3.53 -5.77 -19.26
CA GLY A 357 3.28 -4.61 -18.43
C GLY A 357 3.44 -4.66 -16.91
N TYR A 358 3.77 -5.82 -16.36
CA TYR A 358 3.97 -5.91 -14.92
C TYR A 358 5.42 -5.52 -14.66
N VAL A 359 5.64 -4.58 -13.75
CA VAL A 359 7.00 -4.11 -13.41
C VAL A 359 7.87 -5.20 -12.72
N CYS A 360 7.23 -6.11 -11.99
CA CYS A 360 7.93 -7.18 -11.30
C CYS A 360 9.17 -6.80 -10.51
N GLU A 361 9.04 -5.80 -9.63
CA GLU A 361 10.16 -5.33 -8.80
C GLU A 361 10.79 -6.44 -7.98
N HIS A 362 9.97 -7.41 -7.58
CA HIS A 362 10.49 -8.52 -6.80
C HIS A 362 11.47 -9.41 -7.58
N ARG A 363 11.48 -9.26 -8.91
CA ARG A 363 12.40 -10.04 -9.74
C ARG A 363 13.63 -9.23 -10.09
N TRP A 364 13.73 -8.02 -9.53
CA TRP A 364 14.89 -7.17 -9.76
C TRP A 364 16.03 -7.82 -8.97
N ARG A 365 17.23 -7.81 -9.53
CA ARG A 365 18.40 -8.42 -8.90
C ARG A 365 18.68 -7.85 -7.53
N GLN A 366 18.71 -6.54 -7.46
CA GLN A 366 18.97 -5.83 -6.22
C GLN A 366 17.90 -6.09 -5.15
N VAL A 367 16.74 -6.61 -5.55
CA VAL A 367 15.66 -6.85 -4.62
C VAL A 367 15.69 -8.26 -4.07
N TYR A 368 15.74 -9.27 -4.93
CA TYR A 368 15.79 -10.63 -4.41
C TYR A 368 17.18 -10.89 -3.83
N GLY A 369 18.14 -10.06 -4.21
CA GLY A 369 19.48 -10.20 -3.68
C GLY A 369 19.43 -9.87 -2.20
N MET A 370 18.86 -8.72 -1.87
CA MET A 370 18.75 -8.29 -0.47
C MET A 370 17.76 -9.12 0.33
N VAL A 371 16.89 -9.88 -0.34
CA VAL A 371 15.96 -10.77 0.36
C VAL A 371 16.80 -11.97 0.77
N GLY A 372 17.80 -12.27 -0.07
CA GLY A 372 18.73 -13.36 0.20
C GLY A 372 19.65 -12.90 1.32
N PHE A 373 20.07 -11.64 1.28
CA PHE A 373 20.93 -11.06 2.31
C PHE A 373 20.24 -11.07 3.69
N ARG A 374 18.98 -10.67 3.73
CA ARG A 374 18.25 -10.64 4.98
C ARG A 374 18.10 -12.05 5.55
N ASN A 375 18.09 -13.06 4.69
CA ASN A 375 17.99 -14.43 5.18
C ASN A 375 19.31 -14.87 5.78
N ALA A 376 20.42 -14.47 5.14
CA ALA A 376 21.76 -14.84 5.56
C ALA A 376 22.14 -14.21 6.89
N VAL A 377 21.83 -12.93 7.06
CA VAL A 377 22.16 -12.22 8.29
C VAL A 377 21.12 -12.39 9.40
N GLU A 378 20.22 -13.35 9.24
CA GLU A 378 19.17 -13.53 10.23
C GLU A 378 19.66 -13.77 11.66
N GLY A 379 19.04 -13.05 12.58
CA GLY A 379 19.37 -13.14 13.99
C GLY A 379 20.60 -12.38 14.42
N THR A 380 20.96 -11.33 13.70
CA THR A 380 22.13 -10.54 14.04
C THR A 380 21.74 -9.09 14.26
N GLN A 381 22.60 -8.34 14.94
CA GLN A 381 22.33 -6.95 15.20
C GLN A 381 23.21 -6.14 14.26
N VAL A 382 22.95 -4.84 14.20
CA VAL A 382 23.72 -3.96 13.35
C VAL A 382 25.01 -3.69 14.09
N GLU A 383 26.14 -3.93 13.42
CA GLU A 383 27.46 -3.70 13.97
C GLU A 383 28.35 -2.97 12.96
N ASN A 384 29.56 -2.63 13.38
CA ASN A 384 30.53 -1.93 12.54
C ASN A 384 29.95 -0.73 11.77
N TRP A 385 29.13 0.07 12.45
CA TRP A 385 28.55 1.23 11.80
C TRP A 385 29.68 2.18 11.44
N TRP A 386 29.63 2.74 10.24
CA TRP A 386 30.63 3.68 9.75
C TRP A 386 29.89 4.73 8.93
N SER A 387 30.43 5.93 8.90
CA SER A 387 29.84 7.02 8.15
C SER A 387 30.95 8.04 7.92
N ASN A 388 30.86 8.78 6.83
CA ASN A 388 31.86 9.80 6.52
C ASN A 388 31.36 11.13 7.09
N ASP A 389 30.36 11.05 7.96
CA ASP A 389 29.72 12.23 8.57
C ASP A 389 28.98 13.05 7.53
N ASP A 390 28.33 12.36 6.59
CA ASP A 390 27.56 13.02 5.56
C ASP A 390 26.63 12.07 4.81
N ASN A 391 26.88 11.85 3.53
CA ASN A 391 26.03 10.99 2.72
C ASN A 391 26.56 9.61 2.41
N GLN A 392 27.45 9.11 3.26
CA GLN A 392 27.99 7.77 3.06
C GLN A 392 27.98 7.06 4.39
N ILE A 393 27.38 5.88 4.41
CA ILE A 393 27.30 5.10 5.62
C ILE A 393 27.51 3.65 5.26
N ALA A 394 27.78 2.84 6.27
CA ALA A 394 28.00 1.42 6.08
C ALA A 394 27.96 0.75 7.44
N PHE A 395 27.63 -0.54 7.44
CA PHE A 395 27.57 -1.31 8.67
C PHE A 395 27.42 -2.77 8.28
N SER A 396 27.64 -3.66 9.24
CA SER A 396 27.49 -5.07 8.96
C SER A 396 26.38 -5.56 9.85
N ARG A 397 25.87 -6.75 9.57
CA ARG A 397 24.83 -7.36 10.36
C ARG A 397 25.54 -8.55 10.95
N GLY A 398 26.08 -8.37 12.15
CA GLY A 398 26.83 -9.41 12.82
C GLY A 398 28.09 -9.61 12.00
N SER A 399 28.37 -10.87 11.68
CA SER A 399 29.54 -11.19 10.86
C SER A 399 29.04 -12.03 9.69
N GLN A 400 27.79 -11.81 9.32
CA GLN A 400 27.17 -12.54 8.22
C GLN A 400 26.84 -11.72 6.98
N GLY A 401 27.04 -10.40 7.04
CA GLY A 401 26.77 -9.56 5.90
C GLY A 401 27.19 -8.12 6.11
N PHE A 402 27.62 -7.47 5.04
CA PHE A 402 28.05 -6.08 5.07
C PHE A 402 27.26 -5.31 3.99
N VAL A 403 27.12 -4.00 4.13
CA VAL A 403 26.36 -3.20 3.18
C VAL A 403 26.86 -1.76 3.21
N ALA A 404 27.12 -1.17 2.04
CA ALA A 404 27.60 0.20 1.97
C ALA A 404 26.67 1.00 1.07
N PHE A 405 26.61 2.31 1.31
CA PHE A 405 25.73 3.22 0.57
C PHE A 405 26.44 4.53 0.32
N THR A 406 26.17 5.15 -0.83
CA THR A 406 26.70 6.47 -1.10
C THR A 406 25.61 7.30 -1.76
N ASN A 407 25.28 8.41 -1.14
CA ASN A 407 24.28 9.28 -1.72
C ASN A 407 24.93 10.65 -1.90
N GLY A 408 26.24 10.61 -2.10
CA GLY A 408 27.01 11.82 -2.29
C GLY A 408 28.47 11.47 -2.29
N GLY A 409 29.11 11.56 -3.45
CA GLY A 409 30.52 11.27 -3.56
C GLY A 409 30.83 9.80 -3.83
N ASP A 410 32.09 9.52 -4.16
CA ASP A 410 32.48 8.16 -4.44
C ASP A 410 33.01 7.54 -3.18
N LEU A 411 32.71 6.27 -2.97
CA LEU A 411 33.16 5.54 -1.81
C LEU A 411 34.29 4.62 -2.25
N ASN A 412 35.51 4.93 -1.80
CA ASN A 412 36.70 4.13 -2.09
C ASN A 412 37.39 4.18 -0.75
N GLN A 413 37.10 3.18 0.08
CA GLN A 413 37.65 3.14 1.44
C GLN A 413 37.85 1.73 1.95
N ASN A 414 38.80 1.57 2.86
CA ASN A 414 39.06 0.30 3.49
C ASN A 414 38.22 0.38 4.75
N LEU A 415 37.25 -0.52 4.87
CA LEU A 415 36.35 -0.51 6.00
C LEU A 415 36.31 -1.91 6.62
N ASN A 416 35.97 -1.99 7.90
CA ASN A 416 35.86 -3.29 8.56
C ASN A 416 34.46 -3.81 8.25
N THR A 417 34.39 -4.99 7.65
CA THR A 417 33.12 -5.59 7.29
C THR A 417 32.69 -6.60 8.33
N GLY A 418 33.64 -6.97 9.19
CA GLY A 418 33.39 -7.95 10.21
C GLY A 418 33.08 -9.33 9.63
N LEU A 419 33.40 -9.55 8.36
CA LEU A 419 33.12 -10.83 7.73
C LEU A 419 34.35 -11.72 7.66
N PRO A 420 34.15 -13.05 7.63
CA PRO A 420 35.30 -13.94 7.55
C PRO A 420 36.05 -13.73 6.23
N ALA A 421 37.36 -13.93 6.23
CA ALA A 421 38.18 -13.76 5.04
C ALA A 421 37.59 -14.51 3.84
N GLY A 422 37.66 -13.90 2.66
CA GLY A 422 37.11 -14.55 1.48
C GLY A 422 36.78 -13.60 0.35
N THR A 423 36.34 -14.16 -0.77
CA THR A 423 35.94 -13.35 -1.92
C THR A 423 34.42 -13.42 -2.05
N TYR A 424 33.82 -12.24 -2.02
CA TYR A 424 32.36 -12.11 -2.06
C TYR A 424 31.84 -11.41 -3.32
N CYS A 425 30.69 -11.88 -3.78
CA CYS A 425 30.03 -11.31 -4.94
C CYS A 425 29.08 -10.22 -4.45
N ASP A 426 29.21 -9.01 -4.93
CA ASP A 426 28.27 -7.95 -4.57
C ASP A 426 26.92 -8.43 -5.12
N VAL A 427 25.90 -8.54 -4.26
CA VAL A 427 24.59 -9.03 -4.70
C VAL A 427 23.73 -7.91 -5.29
N ILE A 428 24.28 -6.71 -5.31
CA ILE A 428 23.59 -5.56 -5.88
C ILE A 428 23.95 -5.46 -7.36
N SER A 429 25.25 -5.36 -7.62
CA SER A 429 25.77 -5.27 -8.98
C SER A 429 25.77 -6.57 -9.73
N GLY A 430 25.65 -7.69 -9.02
CA GLY A 430 25.65 -8.96 -9.70
C GLY A 430 25.19 -10.02 -8.75
N GLU A 431 25.61 -11.26 -8.98
CA GLU A 431 25.24 -12.36 -8.11
C GLU A 431 26.23 -13.52 -8.26
N LEU A 432 26.15 -14.46 -7.33
CA LEU A 432 27.03 -15.61 -7.41
C LEU A 432 26.38 -16.59 -8.35
N SER A 433 27.06 -16.92 -9.43
CA SER A 433 26.52 -17.90 -10.37
C SER A 433 27.65 -18.75 -10.88
N GLY A 434 27.54 -20.05 -10.64
CA GLY A 434 28.56 -21.00 -11.10
C GLY A 434 30.03 -20.67 -10.88
N GLY A 435 30.42 -20.45 -9.63
CA GLY A 435 31.81 -20.16 -9.33
C GLY A 435 32.33 -18.78 -9.66
N SER A 436 31.47 -17.89 -10.13
CA SER A 436 31.90 -16.54 -10.43
C SER A 436 30.86 -15.54 -9.96
N CYS A 437 31.25 -14.27 -9.94
CA CYS A 437 30.36 -13.19 -9.57
C CYS A 437 30.06 -12.50 -10.88
N THR A 438 28.78 -12.31 -11.19
CA THR A 438 28.41 -11.62 -12.42
C THR A 438 28.58 -10.12 -12.31
N GLY A 439 28.94 -9.65 -11.12
CA GLY A 439 29.12 -8.24 -10.93
C GLY A 439 30.37 -8.04 -10.12
N LYS A 440 30.46 -6.93 -9.40
CA LYS A 440 31.62 -6.66 -8.57
C LYS A 440 31.87 -7.70 -7.50
N SER A 441 33.13 -7.86 -7.11
CA SER A 441 33.49 -8.80 -6.07
C SER A 441 34.28 -8.04 -5.01
N VAL A 442 34.36 -8.61 -3.81
CA VAL A 442 35.08 -7.97 -2.72
C VAL A 442 35.91 -9.02 -2.02
N THR A 443 37.15 -8.67 -1.74
CA THR A 443 38.03 -9.60 -1.05
C THR A 443 38.23 -9.14 0.39
N VAL A 444 37.78 -9.96 1.33
CA VAL A 444 37.89 -9.65 2.74
C VAL A 444 39.14 -10.34 3.34
N GLY A 445 39.99 -9.51 3.93
CA GLY A 445 41.22 -9.98 4.54
C GLY A 445 40.98 -10.75 5.80
N ASP A 446 41.99 -10.79 6.66
CA ASP A 446 41.91 -11.53 7.92
C ASP A 446 41.39 -10.63 9.03
N ASN A 447 41.55 -9.33 8.84
CA ASN A 447 41.12 -8.34 9.82
C ASN A 447 39.64 -8.01 9.57
N GLY A 448 38.98 -8.80 8.73
CA GLY A 448 37.59 -8.52 8.40
C GLY A 448 37.54 -7.26 7.57
N SER A 449 38.70 -6.75 7.21
CA SER A 449 38.83 -5.53 6.43
C SER A 449 38.71 -5.78 4.92
N ALA A 450 38.32 -4.76 4.17
CA ALA A 450 38.16 -4.87 2.74
C ALA A 450 38.12 -3.49 2.15
N ASP A 451 38.57 -3.39 0.91
CA ASP A 451 38.55 -2.13 0.19
C ASP A 451 37.23 -2.09 -0.53
N ILE A 452 36.41 -1.14 -0.15
CA ILE A 452 35.10 -0.96 -0.74
C ILE A 452 35.12 0.20 -1.72
N SER A 453 34.62 -0.06 -2.92
CA SER A 453 34.50 0.93 -3.98
C SER A 453 33.11 0.94 -4.59
N LEU A 454 32.48 2.10 -4.49
CA LEU A 454 31.12 2.36 -4.96
C LEU A 454 31.12 3.82 -5.39
N GLY A 455 31.19 4.04 -6.70
CA GLY A 455 31.21 5.38 -7.22
C GLY A 455 29.80 5.93 -7.37
N SER A 456 29.68 7.25 -7.26
CA SER A 456 28.39 7.90 -7.37
C SER A 456 27.77 7.86 -8.78
N ALA A 457 28.55 7.52 -9.79
CA ALA A 457 28.01 7.47 -11.13
C ALA A 457 27.52 6.09 -11.54
N GLU A 458 27.70 5.10 -10.65
CA GLU A 458 27.28 3.74 -10.94
C GLU A 458 25.77 3.65 -11.07
N ASP A 459 25.27 2.53 -11.60
CA ASP A 459 23.83 2.38 -11.76
C ASP A 459 23.12 2.31 -10.43
N ASP A 460 23.78 1.73 -9.44
CA ASP A 460 23.25 1.60 -8.11
C ASP A 460 24.09 2.40 -7.13
N GLY A 461 23.49 2.72 -5.98
CA GLY A 461 24.19 3.48 -4.94
C GLY A 461 24.36 2.66 -3.66
N VAL A 462 24.28 1.35 -3.79
CA VAL A 462 24.43 0.45 -2.67
C VAL A 462 25.27 -0.76 -3.11
N LEU A 463 26.00 -1.32 -2.15
CA LEU A 463 26.84 -2.51 -2.36
C LEU A 463 26.47 -3.43 -1.18
N ALA A 464 26.29 -4.71 -1.44
CA ALA A 464 25.93 -5.65 -0.38
C ALA A 464 26.58 -7.04 -0.56
N ILE A 465 27.26 -7.51 0.48
CA ILE A 465 27.90 -8.84 0.44
C ILE A 465 27.51 -9.60 1.71
N HIS A 466 27.37 -10.91 1.59
CA HIS A 466 27.01 -11.74 2.74
C HIS A 466 27.58 -13.16 2.62
N VAL A 467 27.62 -13.87 3.74
CA VAL A 467 28.23 -15.20 3.78
C VAL A 467 27.62 -16.29 2.91
N ASN A 468 26.54 -15.98 2.20
CA ASN A 468 25.94 -16.99 1.32
C ASN A 468 26.18 -16.70 -0.18
N ALA A 469 26.94 -15.64 -0.44
CA ALA A 469 27.29 -15.23 -1.80
C ALA A 469 28.81 -15.07 -1.73
N LYS A 470 29.47 -16.17 -1.40
CA LYS A 470 30.91 -16.21 -1.23
C LYS A 470 31.46 -17.35 -2.08
N LEU A 471 32.57 -17.10 -2.79
CA LEU A 471 33.19 -18.14 -3.62
C LEU A 471 33.92 -19.20 -2.78
N SER B 1 -7.33 1.89 1.97
CA SER B 1 -7.00 2.13 0.55
C SER B 1 -8.10 2.92 -0.15
N VAL B 2 -7.75 3.53 -1.28
CA VAL B 2 -8.65 4.32 -2.12
C VAL B 2 -9.13 5.59 -1.42
N GLY B 3 -10.30 5.51 -0.77
CA GLY B 3 -10.86 6.66 -0.09
C GLY B 3 -9.90 7.20 0.94
N THR B 4 -9.09 6.30 1.50
CA THR B 4 -8.12 6.65 2.52
C THR B 4 -7.09 7.72 2.09
N SER B 5 -6.92 7.93 0.78
CA SER B 5 -5.97 8.91 0.27
C SER B 5 -6.64 10.20 -0.22
N CYS B 6 -7.96 10.28 -0.05
CA CYS B 6 -8.70 11.45 -0.47
C CYS B 6 -8.64 12.50 0.64
N ILE B 7 -7.44 12.97 0.93
CA ILE B 7 -7.23 13.94 2.00
C ILE B 7 -6.25 14.96 1.44
N PRO B 8 -6.47 16.26 1.74
CA PRO B 8 -5.59 17.32 1.26
C PRO B 8 -4.14 17.00 1.59
N GLY B 9 -3.27 17.10 0.60
CA GLY B 9 -1.88 16.79 0.81
C GLY B 9 -1.59 15.39 0.30
N MET B 10 -2.61 14.70 -0.19
CA MET B 10 -2.44 13.37 -0.71
C MET B 10 -3.03 13.29 -2.12
N ALA B 11 -4.14 12.59 -2.30
CA ALA B 11 -4.74 12.50 -3.64
C ALA B 11 -5.44 13.81 -3.99
N ILE B 12 -5.59 14.67 -2.99
CA ILE B 12 -6.24 15.96 -3.15
C ILE B 12 -5.26 17.05 -2.75
N PRO B 13 -5.11 18.09 -3.58
CA PRO B 13 -4.18 19.17 -3.25
C PRO B 13 -4.75 19.94 -2.09
N HIS B 14 -3.92 20.75 -1.45
CA HIS B 14 -4.40 21.58 -0.37
C HIS B 14 -5.24 22.67 -1.04
N ASN B 15 -6.31 23.11 -0.38
CA ASN B 15 -7.19 24.14 -0.92
C ASN B 15 -7.64 23.72 -2.32
N PRO B 16 -8.20 22.50 -2.43
CA PRO B 16 -8.65 21.94 -3.70
C PRO B 16 -9.75 22.74 -4.42
N LEU B 17 -9.87 22.49 -5.73
CA LEU B 17 -10.87 23.12 -6.59
C LEU B 17 -10.94 24.62 -6.38
N ASP B 18 -9.76 25.17 -6.19
CA ASP B 18 -9.53 26.58 -5.96
C ASP B 18 -10.29 27.53 -6.90
N SER B 19 -10.13 27.32 -8.21
CA SER B 19 -10.76 28.17 -9.22
C SER B 19 -12.25 27.93 -9.44
N CYS B 20 -12.77 26.80 -8.96
CA CYS B 20 -14.19 26.49 -9.10
C CYS B 20 -15.05 27.43 -8.25
N ARG B 21 -14.43 28.09 -7.27
CA ARG B 21 -15.12 29.03 -6.39
C ARG B 21 -15.87 30.02 -7.27
N TRP B 22 -15.14 30.80 -8.05
CA TRP B 22 -15.69 31.80 -8.94
C TRP B 22 -16.53 31.26 -10.10
N TYR B 23 -16.30 30.00 -10.44
CA TYR B 23 -17.07 29.40 -11.50
C TYR B 23 -18.51 29.09 -11.07
N VAL B 24 -18.69 28.52 -9.87
CA VAL B 24 -20.05 28.20 -9.40
C VAL B 24 -20.80 29.49 -9.05
N SER B 25 -20.06 30.51 -8.64
CA SER B 25 -20.61 31.81 -8.29
C SER B 25 -21.27 32.48 -9.51
N THR B 26 -20.54 32.57 -10.63
CA THR B 26 -21.04 33.20 -11.85
C THR B 26 -22.13 32.36 -12.52
N ARG B 27 -21.94 31.06 -12.57
CA ARG B 27 -22.92 30.16 -13.17
C ARG B 27 -24.24 30.18 -12.42
N THR B 28 -24.13 30.25 -11.10
CA THR B 28 -25.26 30.24 -10.18
C THR B 28 -25.93 31.59 -9.91
N CYS B 29 -25.13 32.67 -9.90
CA CYS B 29 -25.70 33.97 -9.60
C CYS B 29 -25.25 35.11 -10.50
N GLY B 30 -24.38 34.81 -11.47
CA GLY B 30 -23.88 35.85 -12.34
C GLY B 30 -22.91 36.72 -11.56
N VAL B 31 -22.48 36.24 -10.40
CA VAL B 31 -21.53 36.96 -9.56
C VAL B 31 -20.16 36.30 -9.72
N GLY B 32 -19.13 37.11 -9.97
CA GLY B 32 -17.79 36.57 -10.15
C GLY B 32 -16.84 37.51 -10.84
N PRO B 33 -15.57 37.10 -11.06
CA PRO B 33 -14.55 37.92 -11.71
C PRO B 33 -14.95 38.30 -13.14
N ARG B 34 -14.31 39.34 -13.66
CA ARG B 34 -14.60 39.80 -15.00
C ARG B 34 -13.75 39.08 -16.06
N LEU B 35 -14.02 37.79 -16.22
CA LEU B 35 -13.31 36.99 -17.22
C LEU B 35 -14.29 36.01 -17.83
N ALA B 36 -13.93 35.49 -18.99
CA ALA B 36 -14.77 34.57 -19.72
C ALA B 36 -15.27 33.41 -18.88
N THR B 37 -16.57 33.23 -18.82
CA THR B 37 -17.14 32.13 -18.06
C THR B 37 -16.54 30.84 -18.61
N GLN B 38 -16.38 30.78 -19.92
CA GLN B 38 -15.78 29.63 -20.59
C GLN B 38 -14.36 29.41 -20.01
N GLU B 39 -13.67 30.52 -19.76
CA GLU B 39 -12.31 30.47 -19.21
C GLU B 39 -12.36 29.82 -17.82
N MET B 40 -13.13 30.41 -16.93
CA MET B 40 -13.27 29.88 -15.59
C MET B 40 -13.68 28.41 -15.55
N LYS B 41 -14.58 28.01 -16.44
CA LYS B 41 -15.01 26.62 -16.49
C LYS B 41 -13.81 25.75 -16.78
N ALA B 42 -13.00 26.18 -17.76
CA ALA B 42 -11.80 25.48 -18.18
C ALA B 42 -10.82 25.27 -17.02
N ARG B 43 -10.52 26.34 -16.30
CA ARG B 43 -9.61 26.27 -15.15
C ARG B 43 -10.17 25.30 -14.08
N CYS B 44 -11.43 25.50 -13.70
CA CYS B 44 -12.09 24.67 -12.72
C CYS B 44 -12.09 23.19 -13.12
N CYS B 45 -12.55 22.88 -14.33
CA CYS B 45 -12.58 21.50 -14.82
C CYS B 45 -11.18 20.89 -14.95
N ARG B 46 -10.17 21.75 -15.07
CA ARG B 46 -8.80 21.31 -15.19
C ARG B 46 -8.34 20.83 -13.82
N GLN B 47 -8.60 21.65 -12.80
CA GLN B 47 -8.24 21.30 -11.43
C GLN B 47 -8.93 20.02 -11.05
N LEU B 48 -10.20 19.92 -11.40
CA LEU B 48 -10.97 18.73 -11.09
C LEU B 48 -10.47 17.46 -11.81
N GLU B 49 -10.00 17.63 -13.04
CA GLU B 49 -9.51 16.49 -13.83
C GLU B 49 -8.24 15.91 -13.26
N ALA B 50 -7.41 16.79 -12.71
CA ALA B 50 -6.13 16.40 -12.11
C ALA B 50 -6.26 15.53 -10.86
N ILE B 51 -7.48 15.37 -10.36
CA ILE B 51 -7.73 14.57 -9.17
C ILE B 51 -8.28 13.25 -9.69
N PRO B 52 -7.71 12.12 -9.24
CA PRO B 52 -8.20 10.82 -9.73
C PRO B 52 -9.69 10.62 -9.46
N ALA B 53 -10.33 9.83 -10.32
CA ALA B 53 -11.75 9.55 -10.20
C ALA B 53 -12.20 9.25 -8.79
N TYR B 54 -11.49 8.36 -8.09
CA TYR B 54 -11.89 7.99 -6.74
C TYR B 54 -11.97 9.07 -5.67
N CYS B 55 -11.32 10.21 -5.90
CA CYS B 55 -11.35 11.33 -4.95
C CYS B 55 -12.09 12.58 -5.46
N ARG B 56 -12.57 12.53 -6.70
CA ARG B 56 -13.25 13.67 -7.32
C ARG B 56 -14.40 14.21 -6.51
N CYS B 57 -15.39 13.37 -6.20
CA CYS B 57 -16.53 13.78 -5.40
C CYS B 57 -16.12 14.29 -4.01
N GLU B 58 -15.09 13.69 -3.45
CA GLU B 58 -14.63 14.12 -2.15
C GLU B 58 -13.97 15.49 -2.24
N ALA B 59 -13.38 15.80 -3.39
CA ALA B 59 -12.75 17.10 -3.58
C ALA B 59 -13.80 18.20 -3.68
N VAL B 60 -14.92 17.92 -4.35
CA VAL B 60 -15.98 18.92 -4.48
C VAL B 60 -16.63 19.10 -3.11
N ARG B 61 -16.86 17.99 -2.40
CA ARG B 61 -17.43 18.05 -1.05
C ARG B 61 -16.62 18.97 -0.14
N ILE B 62 -15.31 18.96 -0.27
CA ILE B 62 -14.41 19.80 0.52
C ILE B 62 -14.56 21.26 0.09
N LEU B 63 -14.70 21.45 -1.22
CA LEU B 63 -14.90 22.79 -1.81
C LEU B 63 -16.17 23.37 -1.18
N MET B 64 -17.23 22.56 -1.15
CA MET B 64 -18.51 22.94 -0.60
C MET B 64 -18.50 23.11 0.91
N ASP B 65 -18.41 21.99 1.62
CA ASP B 65 -18.48 21.95 3.07
C ASP B 65 -17.21 22.11 3.91
N GLY B 66 -16.04 21.83 3.36
CA GLY B 66 -14.81 21.96 4.13
C GLY B 66 -14.29 20.67 4.74
N VAL B 67 -13.15 20.74 5.44
CA VAL B 67 -12.56 19.55 6.06
C VAL B 67 -11.62 19.94 7.19
N VAL B 68 -11.66 19.22 8.30
CA VAL B 68 -10.72 19.50 9.39
C VAL B 68 -9.67 18.39 9.27
N THR B 69 -8.42 18.78 9.07
CA THR B 69 -7.33 17.84 8.88
C THR B 69 -6.50 17.47 10.11
N SER B 70 -5.41 16.76 9.84
CA SER B 70 -4.47 16.29 10.84
C SER B 70 -3.81 17.42 11.62
N SER B 71 -3.71 18.58 10.99
CA SER B 71 -3.11 19.71 11.67
C SER B 71 -4.14 20.43 12.54
N GLY B 72 -5.40 20.03 12.37
CA GLY B 72 -6.48 20.68 13.11
C GLY B 72 -7.01 21.82 12.26
N GLN B 73 -6.39 21.98 11.10
CA GLN B 73 -6.75 23.02 10.17
C GLN B 73 -7.99 22.66 9.39
N HIS B 74 -8.74 23.69 9.03
CA HIS B 74 -9.96 23.52 8.25
C HIS B 74 -9.57 23.93 6.84
N GLU B 75 -10.06 23.20 5.84
CA GLU B 75 -9.77 23.51 4.45
C GLU B 75 -11.06 23.38 3.68
N GLY B 76 -11.23 24.21 2.66
CA GLY B 76 -12.43 24.13 1.85
C GLY B 76 -13.53 25.07 2.28
N ARG B 77 -14.78 24.69 2.05
CA ARG B 77 -15.94 25.52 2.38
C ARG B 77 -15.73 26.93 1.79
N LEU B 78 -15.33 26.95 0.52
CA LEU B 78 -15.07 28.18 -0.22
C LEU B 78 -16.38 28.81 -0.67
N LEU B 79 -17.38 27.97 -0.91
CA LEU B 79 -18.70 28.37 -1.37
C LEU B 79 -19.47 29.12 -0.29
N GLN B 80 -18.99 30.32 0.01
CA GLN B 80 -19.60 31.17 1.04
C GLN B 80 -20.50 32.24 0.40
N ASP B 81 -21.35 32.85 1.22
CA ASP B 81 -22.26 33.92 0.78
C ASP B 81 -21.54 35.06 0.09
N LEU B 82 -22.17 35.55 -0.98
CA LEU B 82 -21.64 36.66 -1.73
C LEU B 82 -22.83 37.59 -1.92
N PRO B 83 -22.60 38.90 -2.02
CA PRO B 83 -23.76 39.78 -2.20
C PRO B 83 -24.54 39.38 -3.44
N GLY B 84 -25.82 39.12 -3.24
CA GLY B 84 -26.67 38.71 -4.36
C GLY B 84 -26.48 37.25 -4.74
N CYS B 85 -25.76 36.50 -3.92
CA CYS B 85 -25.50 35.09 -4.19
C CYS B 85 -25.41 34.31 -2.88
N PRO B 86 -26.52 33.71 -2.45
CA PRO B 86 -26.48 32.96 -1.20
C PRO B 86 -25.72 31.64 -1.29
N ARG B 87 -24.91 31.38 -0.29
CA ARG B 87 -24.13 30.16 -0.20
C ARG B 87 -24.87 28.89 -0.63
N GLN B 88 -26.06 28.68 -0.11
CA GLN B 88 -26.82 27.47 -0.43
C GLN B 88 -27.14 27.21 -1.88
N VAL B 89 -27.36 28.25 -2.66
CA VAL B 89 -27.69 28.04 -4.08
C VAL B 89 -26.42 27.56 -4.78
N GLN B 90 -25.28 28.11 -4.36
CA GLN B 90 -23.97 27.77 -4.91
C GLN B 90 -23.70 26.31 -4.59
N ARG B 91 -23.79 26.02 -3.31
CA ARG B 91 -23.58 24.70 -2.75
C ARG B 91 -24.43 23.63 -3.42
N ALA B 92 -25.54 24.03 -4.03
CA ALA B 92 -26.44 23.10 -4.72
C ALA B 92 -25.96 22.81 -6.14
N PHE B 93 -25.21 23.75 -6.69
CA PHE B 93 -24.68 23.60 -8.04
C PHE B 93 -23.44 22.73 -8.06
N ALA B 94 -22.58 22.93 -7.06
CA ALA B 94 -21.32 22.21 -6.92
C ALA B 94 -21.27 20.75 -7.39
N PRO B 95 -22.16 19.87 -6.89
CA PRO B 95 -22.14 18.47 -7.33
C PRO B 95 -22.35 18.26 -8.83
N LYS B 96 -22.76 19.31 -9.52
CA LYS B 96 -22.99 19.25 -10.95
C LYS B 96 -21.73 19.35 -11.78
N LEU B 97 -20.61 19.75 -11.17
CA LEU B 97 -19.34 19.90 -11.87
C LEU B 97 -18.80 18.67 -12.59
N VAL B 98 -19.18 17.48 -12.17
CA VAL B 98 -18.69 16.26 -12.78
C VAL B 98 -19.63 15.71 -13.87
N THR B 99 -20.83 16.28 -13.94
CA THR B 99 -21.83 15.83 -14.91
C THR B 99 -21.44 16.17 -16.32
N GLU B 100 -21.95 15.37 -17.25
CA GLU B 100 -21.70 15.54 -18.68
C GLU B 100 -21.81 16.97 -19.19
N VAL B 101 -22.82 17.68 -18.73
CA VAL B 101 -23.05 19.06 -19.12
C VAL B 101 -21.88 19.96 -18.70
N GLU B 102 -21.25 19.62 -17.59
CA GLU B 102 -20.13 20.42 -17.10
C GLU B 102 -18.76 19.87 -17.50
N CYS B 103 -18.00 19.37 -16.53
CA CYS B 103 -16.67 18.83 -16.82
C CYS B 103 -16.76 17.40 -17.36
N ASN B 104 -17.85 16.72 -17.05
CA ASN B 104 -18.03 15.34 -17.48
C ASN B 104 -16.83 14.47 -17.07
N LEU B 105 -16.69 14.29 -15.77
CA LEU B 105 -15.60 13.51 -15.19
C LEU B 105 -16.12 12.30 -14.43
N ALA B 106 -15.43 11.18 -14.58
CA ALA B 106 -15.81 9.96 -13.89
C ALA B 106 -15.44 10.08 -12.41
N THR B 107 -16.17 9.36 -11.56
CA THR B 107 -15.94 9.41 -10.13
C THR B 107 -16.00 7.99 -9.54
N ILE B 108 -15.96 7.91 -8.22
CA ILE B 108 -15.98 6.64 -7.51
C ILE B 108 -17.30 5.91 -7.68
N HIS B 109 -18.31 6.63 -8.17
CA HIS B 109 -19.60 6.01 -8.37
C HIS B 109 -19.65 5.35 -9.74
N GLY B 110 -18.56 5.46 -10.49
CA GLY B 110 -18.49 4.84 -11.81
C GLY B 110 -18.80 5.73 -12.99
N GLY B 111 -19.68 6.70 -12.80
CA GLY B 111 -20.04 7.60 -13.88
C GLY B 111 -19.82 9.05 -13.51
N PRO B 112 -20.28 10.00 -14.34
CA PRO B 112 -20.13 11.44 -14.14
C PRO B 112 -21.20 11.98 -13.21
N PHE B 113 -21.20 11.49 -11.97
CA PHE B 113 -22.17 11.91 -10.96
C PHE B 113 -21.68 11.62 -9.55
N CYS B 114 -21.95 12.55 -8.64
CA CYS B 114 -21.56 12.41 -7.25
C CYS B 114 -22.71 12.13 -6.32
N LEU B 115 -23.06 10.85 -6.11
CA LEU B 115 -24.15 10.55 -5.18
C LEU B 115 -23.61 10.96 -3.81
N SER B 116 -24.35 10.69 -2.76
CA SER B 116 -23.89 10.98 -1.40
C SER B 116 -23.15 12.30 -1.22
N LEU B 117 -23.62 13.37 -1.81
CA LEU B 117 -22.91 14.62 -1.64
C LEU B 117 -23.53 15.63 -0.70
#